data_3TA6
#
_entry.id   3TA6
#
_cell.length_a   134.917
_cell.length_b   52.589
_cell.length_c   77.539
_cell.angle_alpha   90.00
_cell.angle_beta   104.48
_cell.angle_gamma   90.00
#
_symmetry.space_group_name_H-M   'C 1 2 1'
#
loop_
_entity.id
_entity.type
_entity.pdbx_description
1 polymer 'Triosephosphate isomerase'
2 non-polymer 'CITRATE ANION'
3 water water
#
_entity_poly.entity_id   1
_entity_poly.type   'polypeptide(L)'
_entity_poly.pdbx_seq_one_letter_code
;MSRKPLIAGNWKMNLNHYEAIALVQKIAFSLPDKYYDRVDVAVIPPFTDLRSVQTLVDGDKLRLTYGAQDLSPHDSGAYT
GDVSGAFLAKLGCSYVVVGHSERRTYHNEDDALVAAKAATALKHGLTPIVCIGEHLDVREAGNHVAHNIEQLRGSLAGLL
AEQIGSVVIAYEPVWAIGTGRVASAADAQEVCAAIRKELASLASPRIADTVRVLYGGSVNAKNVGDIVAQDDVDGGLVGG
ASLDGEHFATLAAIAAGGPLPHHHHHH
;
_entity_poly.pdbx_strand_id   A,B
#
loop_
_chem_comp.id
_chem_comp.type
_chem_comp.name
_chem_comp.formula
FLC non-polymer 'CITRATE ANION' 'C6 H5 O7 -3'
#
# COMPACT_ATOMS: atom_id res chain seq x y z
N ARG A 3 18.41 1.19 -27.78
CA ARG A 3 17.69 0.85 -26.52
C ARG A 3 16.57 -0.14 -26.77
N LYS A 4 16.54 -1.21 -25.97
CA LYS A 4 15.47 -2.19 -26.03
C LYS A 4 14.18 -1.56 -25.47
N PRO A 5 13.10 -1.57 -26.27
CA PRO A 5 11.88 -0.96 -25.76
C PRO A 5 11.29 -1.70 -24.57
N LEU A 6 10.52 -0.97 -23.79
CA LEU A 6 9.88 -1.49 -22.59
C LEU A 6 8.40 -1.14 -22.61
N ILE A 7 7.56 -2.15 -22.43
CA ILE A 7 6.13 -1.97 -22.28
C ILE A 7 5.76 -2.46 -20.89
N ALA A 8 5.40 -1.52 -20.03
CA ALA A 8 5.10 -1.78 -18.63
C ALA A 8 3.63 -1.44 -18.36
N GLY A 9 2.89 -2.41 -17.85
CA GLY A 9 1.46 -2.25 -17.64
C GLY A 9 1.10 -1.84 -16.23
N ASN A 10 0.71 -0.58 -16.05
CA ASN A 10 0.26 -0.14 -14.73
C ASN A 10 -1.19 -0.52 -14.53
N TRP A 11 -1.43 -1.57 -13.74
CA TRP A 11 -2.81 -2.03 -13.52
C TRP A 11 -3.61 -1.07 -12.65
N LYS A 12 -2.92 -0.16 -11.95
CA LYS A 12 -3.56 0.72 -10.97
C LYS A 12 -4.31 -0.13 -9.94
N MET A 13 -5.40 0.39 -9.37
CA MET A 13 -6.08 -0.35 -8.31
C MET A 13 -7.16 -1.25 -8.94
N ASN A 14 -6.70 -2.31 -9.60
CA ASN A 14 -7.58 -3.23 -10.30
C ASN A 14 -7.01 -4.61 -10.24
N LEU A 15 -7.92 -5.57 -10.05
CA LEU A 15 -7.70 -7.04 -10.13
C LEU A 15 -7.23 -7.68 -8.85
N ASN A 16 -8.02 -8.64 -8.41
CA ASN A 16 -7.65 -9.43 -7.23
C ASN A 16 -6.62 -10.50 -7.62
N HIS A 17 -6.21 -11.35 -6.67
CA HIS A 17 -5.05 -12.22 -6.93
C HIS A 17 -5.32 -13.34 -7.90
N TYR A 18 -6.53 -13.84 -7.99
N TYR A 18 -6.59 -13.78 -7.91
CA TYR A 18 -6.67 -14.85 -9.02
CA TYR A 18 -7.12 -14.78 -8.84
C TYR A 18 -7.06 -14.26 -10.39
C TYR A 18 -7.05 -14.22 -10.25
N GLU A 19 -7.64 -13.05 -10.41
CA GLU A 19 -7.70 -12.31 -11.67
C GLU A 19 -6.31 -11.96 -12.19
N ALA A 20 -5.39 -11.69 -11.27
CA ALA A 20 -4.00 -11.39 -11.65
C ALA A 20 -3.35 -12.57 -12.36
N ILE A 21 -3.53 -13.78 -11.83
N ILE A 21 -3.55 -13.77 -11.82
CA ILE A 21 -2.95 -14.97 -12.47
CA ILE A 21 -3.06 -15.02 -12.37
C ILE A 21 -3.53 -15.15 -13.87
C ILE A 21 -3.55 -15.25 -13.80
N ALA A 22 -4.84 -14.99 -14.01
CA ALA A 22 -5.46 -15.16 -15.31
C ALA A 22 -4.96 -14.12 -16.31
N LEU A 23 -4.77 -12.87 -15.87
CA LEU A 23 -4.29 -11.83 -16.78
C LEU A 23 -2.86 -12.14 -17.25
N VAL A 24 -1.99 -12.52 -16.33
CA VAL A 24 -0.63 -12.89 -16.71
C VAL A 24 -0.64 -14.06 -17.70
N GLN A 25 -1.47 -15.06 -17.45
N GLN A 25 -1.46 -15.07 -17.41
CA GLN A 25 -1.55 -16.18 -18.38
CA GLN A 25 -1.65 -16.21 -18.32
C GLN A 25 -2.12 -15.75 -19.74
C GLN A 25 -2.09 -15.75 -19.70
N LYS A 26 -3.05 -14.81 -19.75
CA LYS A 26 -3.59 -14.29 -21.02
C LYS A 26 -2.51 -13.59 -21.83
N ILE A 27 -1.69 -12.78 -21.17
CA ILE A 27 -0.57 -12.11 -21.85
C ILE A 27 0.40 -13.14 -22.40
N ALA A 28 0.78 -14.12 -21.58
CA ALA A 28 1.72 -15.14 -22.03
C ALA A 28 1.15 -15.97 -23.19
N PHE A 29 -0.16 -16.21 -23.18
CA PHE A 29 -0.85 -16.94 -24.26
C PHE A 29 -0.86 -16.13 -25.55
N SER A 30 -0.99 -14.81 -25.41
CA SER A 30 -1.23 -13.94 -26.54
C SER A 30 0.03 -13.47 -27.23
N LEU A 31 1.15 -13.41 -26.51
CA LEU A 31 2.38 -12.85 -27.04
C LEU A 31 3.33 -13.95 -27.49
N PRO A 32 3.57 -14.07 -28.82
CA PRO A 32 4.55 -15.08 -29.26
C PRO A 32 5.91 -14.88 -28.62
N ASP A 33 6.57 -15.99 -28.29
CA ASP A 33 7.82 -15.95 -27.55
CA ASP A 33 7.84 -16.01 -27.57
C ASP A 33 8.93 -15.18 -28.26
N LYS A 34 8.89 -15.17 -29.60
CA LYS A 34 9.90 -14.46 -30.40
C LYS A 34 10.00 -12.97 -30.06
N TYR A 35 8.94 -12.39 -29.52
CA TYR A 35 8.95 -10.96 -29.22
C TYR A 35 9.83 -10.54 -28.03
N TYR A 36 10.04 -11.44 -27.07
CA TYR A 36 10.79 -11.08 -25.86
C TYR A 36 12.23 -10.65 -26.12
N ASP A 37 12.83 -11.17 -27.20
CA ASP A 37 14.18 -10.75 -27.57
C ASP A 37 14.22 -9.30 -28.03
N ARG A 38 13.05 -8.76 -28.36
CA ARG A 38 12.94 -7.44 -28.97
C ARG A 38 12.20 -6.39 -28.12
N VAL A 39 11.53 -6.84 -27.05
CA VAL A 39 10.82 -5.92 -26.16
C VAL A 39 10.82 -6.52 -24.75
N ASP A 40 11.04 -5.68 -23.76
CA ASP A 40 10.84 -6.07 -22.35
C ASP A 40 9.39 -5.80 -21.98
N VAL A 41 8.76 -6.76 -21.32
CA VAL A 41 7.35 -6.67 -21.00
C VAL A 41 7.19 -6.88 -19.51
N ALA A 42 6.57 -5.92 -18.85
CA ALA A 42 6.35 -5.99 -17.39
C ALA A 42 4.90 -5.72 -17.02
N VAL A 43 4.44 -6.40 -15.98
CA VAL A 43 3.14 -6.10 -15.38
C VAL A 43 3.36 -5.47 -14.02
N ILE A 44 2.50 -4.53 -13.65
N ILE A 44 2.53 -4.49 -13.68
CA ILE A 44 2.67 -3.78 -12.39
CA ILE A 44 2.66 -3.75 -12.42
C ILE A 44 1.35 -3.85 -11.61
C ILE A 44 1.36 -3.85 -11.61
N PRO A 45 1.15 -4.97 -10.89
CA PRO A 45 -0.11 -5.19 -10.18
C PRO A 45 -0.17 -4.49 -8.83
N PRO A 46 -1.37 -4.43 -8.21
CA PRO A 46 -1.47 -4.05 -6.79
C PRO A 46 -0.59 -4.90 -5.87
N PHE A 47 -0.20 -4.33 -4.73
CA PHE A 47 0.70 -5.02 -3.80
C PHE A 47 0.21 -6.42 -3.44
N THR A 48 -1.11 -6.53 -3.27
CA THR A 48 -1.72 -7.77 -2.79
C THR A 48 -1.70 -8.90 -3.83
N ASP A 49 -1.37 -8.59 -5.08
CA ASP A 49 -1.25 -9.57 -6.16
C ASP A 49 0.17 -10.05 -6.41
N LEU A 50 1.14 -9.48 -5.71
CA LEU A 50 2.54 -9.74 -6.07
C LEU A 50 2.99 -11.17 -5.79
N ARG A 51 2.59 -11.74 -4.65
CA ARG A 51 2.95 -13.12 -4.36
C ARG A 51 2.43 -14.07 -5.44
N SER A 52 1.19 -13.88 -5.86
CA SER A 52 0.57 -14.75 -6.88
C SER A 52 1.28 -14.63 -8.21
N VAL A 53 1.61 -13.41 -8.61
CA VAL A 53 2.34 -13.16 -9.85
C VAL A 53 3.77 -13.71 -9.77
N GLN A 54 4.46 -13.46 -8.66
CA GLN A 54 5.81 -13.97 -8.49
C GLN A 54 5.87 -15.50 -8.61
N THR A 55 4.97 -16.20 -7.91
N THR A 55 4.95 -16.16 -7.91
CA THR A 55 5.04 -17.66 -7.97
CA THR A 55 4.84 -17.62 -7.89
C THR A 55 4.70 -18.21 -9.36
C THR A 55 4.62 -18.22 -9.28
N LEU A 56 3.78 -17.55 -10.06
CA LEU A 56 3.46 -17.97 -11.43
C LEU A 56 4.65 -17.72 -12.37
N VAL A 57 5.22 -16.52 -12.32
CA VAL A 57 6.30 -16.15 -13.20
C VAL A 57 7.53 -17.02 -12.94
N ASP A 58 7.86 -17.25 -11.67
CA ASP A 58 9.02 -18.09 -11.33
C ASP A 58 8.73 -19.55 -11.59
N GLY A 59 7.54 -20.02 -11.20
CA GLY A 59 7.20 -21.43 -11.35
C GLY A 59 7.11 -21.89 -12.79
N ASP A 60 6.67 -21.00 -13.67
CA ASP A 60 6.54 -21.34 -15.10
C ASP A 60 7.64 -20.76 -15.96
N LYS A 61 8.64 -20.15 -15.32
CA LYS A 61 9.79 -19.56 -16.01
C LYS A 61 9.34 -18.61 -17.13
N LEU A 62 8.38 -17.75 -16.80
CA LEU A 62 7.88 -16.79 -17.78
C LEU A 62 8.91 -15.70 -18.05
N ARG A 63 8.86 -15.17 -19.25
CA ARG A 63 9.80 -14.12 -19.66
C ARG A 63 9.30 -12.71 -19.33
N LEU A 64 8.02 -12.57 -18.98
N LEU A 64 8.01 -12.61 -18.99
CA LEU A 64 7.51 -11.26 -18.59
CA LEU A 64 7.43 -11.39 -18.45
C LEU A 64 7.82 -10.99 -17.11
C LEU A 64 8.11 -11.06 -17.13
N THR A 65 8.29 -9.77 -16.85
CA THR A 65 8.76 -9.36 -15.52
C THR A 65 7.63 -8.57 -14.84
N TYR A 66 7.86 -8.13 -13.61
CA TYR A 66 6.79 -7.46 -12.87
C TYR A 66 7.37 -6.42 -11.92
N GLY A 67 6.49 -5.57 -11.41
CA GLY A 67 6.89 -4.55 -10.47
C GLY A 67 5.71 -4.08 -9.65
N ALA A 68 5.97 -3.08 -8.81
CA ALA A 68 4.96 -2.53 -7.91
C ALA A 68 4.68 -1.08 -8.23
N GLN A 69 3.60 -0.56 -7.64
CA GLN A 69 3.10 0.77 -7.98
C GLN A 69 3.56 1.91 -7.06
N ASP A 70 4.27 1.56 -5.99
CA ASP A 70 4.74 2.52 -4.99
C ASP A 70 5.65 1.81 -3.99
N LEU A 71 6.39 2.58 -3.19
CA LEU A 71 7.10 2.05 -2.04
C LEU A 71 7.36 3.19 -1.06
N SER A 72 7.64 2.86 0.18
CA SER A 72 8.02 3.83 1.20
C SER A 72 9.43 4.37 0.94
N PRO A 73 9.69 5.63 1.36
CA PRO A 73 11.08 6.07 1.35
C PRO A 73 11.95 5.40 2.43
N HIS A 74 11.34 4.67 3.37
N HIS A 74 11.27 4.84 3.42
CA HIS A 74 12.09 4.01 4.46
CA HIS A 74 11.89 4.22 4.54
C HIS A 74 12.21 2.50 4.29
C HIS A 74 11.96 2.74 4.24
N ASP A 75 13.22 1.89 4.92
N ASP A 75 12.91 2.07 4.88
CA ASP A 75 13.41 0.46 4.76
CA ASP A 75 13.15 0.66 4.63
C ASP A 75 12.46 -0.38 5.60
C ASP A 75 12.31 -0.26 5.53
N SER A 76 12.14 0.12 6.79
CA SER A 76 11.30 -0.64 7.73
C SER A 76 10.85 0.28 8.85
N GLY A 77 9.89 -0.20 9.63
CA GLY A 77 9.56 0.42 10.91
C GLY A 77 8.11 0.83 11.05
N ALA A 78 7.91 1.87 11.87
CA ALA A 78 6.59 2.26 12.35
C ALA A 78 5.88 3.16 11.34
N TYR A 79 5.49 2.54 10.22
CA TYR A 79 4.84 3.21 9.09
C TYR A 79 3.64 2.36 8.69
N THR A 80 2.66 2.30 9.58
CA THR A 80 1.48 1.44 9.38
C THR A 80 0.86 1.71 8.01
N GLY A 81 0.65 0.63 7.25
CA GLY A 81 0.04 0.72 5.93
C GLY A 81 1.00 0.78 4.78
N ASP A 82 2.28 1.06 5.04
CA ASP A 82 3.25 1.31 3.96
C ASP A 82 4.06 0.06 3.63
N VAL A 83 4.54 0.00 2.39
CA VAL A 83 5.25 -1.17 1.88
C VAL A 83 6.69 -0.82 1.56
N SER A 84 7.62 -1.67 2.04
CA SER A 84 9.05 -1.46 1.84
C SER A 84 9.57 -2.04 0.54
N GLY A 85 10.54 -1.33 -0.05
CA GLY A 85 11.29 -1.87 -1.17
C GLY A 85 11.97 -3.19 -0.86
N ALA A 86 12.29 -3.45 0.41
CA ALA A 86 12.86 -4.74 0.78
C ALA A 86 11.87 -5.86 0.49
N PHE A 87 10.58 -5.62 0.78
CA PHE A 87 9.56 -6.64 0.53
C PHE A 87 9.41 -6.89 -0.96
N LEU A 88 9.44 -5.81 -1.74
CA LEU A 88 9.32 -5.90 -3.19
C LEU A 88 10.48 -6.67 -3.79
N ALA A 89 11.70 -6.37 -3.33
CA ALA A 89 12.89 -7.07 -3.79
C ALA A 89 12.83 -8.57 -3.48
N LYS A 90 12.39 -8.92 -2.27
CA LYS A 90 12.30 -10.32 -1.87
C LYS A 90 11.27 -11.09 -2.70
N LEU A 91 10.26 -10.37 -3.19
CA LEU A 91 9.28 -10.93 -4.11
C LEU A 91 9.69 -10.91 -5.57
N GLY A 92 10.94 -10.51 -5.85
CA GLY A 92 11.46 -10.57 -7.22
C GLY A 92 10.97 -9.48 -8.14
N CYS A 93 10.43 -8.39 -7.59
CA CYS A 93 10.06 -7.27 -8.45
C CYS A 93 11.27 -6.71 -9.16
N SER A 94 11.08 -6.35 -10.42
CA SER A 94 12.13 -5.69 -11.21
C SER A 94 11.98 -4.16 -11.19
N TYR A 95 10.74 -3.67 -11.10
CA TYR A 95 10.42 -2.24 -11.23
C TYR A 95 9.57 -1.76 -10.08
N VAL A 96 9.61 -0.45 -9.84
CA VAL A 96 8.63 0.17 -8.95
C VAL A 96 8.33 1.57 -9.47
N VAL A 97 7.05 1.88 -9.60
CA VAL A 97 6.64 3.21 -10.04
C VAL A 97 6.78 4.19 -8.89
N VAL A 98 7.41 5.33 -9.17
CA VAL A 98 7.50 6.41 -8.19
C VAL A 98 7.05 7.73 -8.80
N GLY A 99 6.29 8.50 -8.03
CA GLY A 99 5.82 9.80 -8.49
C GLY A 99 4.75 9.79 -9.55
N HIS A 100 3.97 8.71 -9.66
CA HIS A 100 2.83 8.73 -10.57
C HIS A 100 1.96 9.94 -10.23
N SER A 101 1.41 10.60 -11.25
CA SER A 101 0.55 11.76 -11.04
C SER A 101 -0.56 11.51 -10.03
N GLU A 102 -1.11 10.30 -9.98
CA GLU A 102 -2.18 10.01 -9.02
C GLU A 102 -1.65 10.07 -7.59
N ARG A 103 -0.41 9.64 -7.37
CA ARG A 103 0.16 9.73 -6.02
C ARG A 103 0.58 11.16 -5.69
N ARG A 104 1.08 11.88 -6.70
CA ARG A 104 1.48 13.27 -6.47
C ARG A 104 0.27 14.09 -6.03
N THR A 105 -0.88 13.85 -6.66
CA THR A 105 -2.08 14.64 -6.37
C THR A 105 -2.88 14.09 -5.19
N TYR A 106 -3.26 12.82 -5.21
CA TYR A 106 -4.11 12.28 -4.13
C TYR A 106 -3.35 12.07 -2.82
N HIS A 107 -2.03 11.91 -2.92
CA HIS A 107 -1.25 11.52 -1.75
C HIS A 107 -0.10 12.46 -1.41
N ASN A 108 -0.15 13.67 -1.97
CA ASN A 108 0.74 14.76 -1.54
C ASN A 108 2.22 14.39 -1.65
N GLU A 109 2.60 13.87 -2.80
CA GLU A 109 4.00 13.52 -3.03
C GLU A 109 4.64 14.61 -3.86
N ASP A 110 5.65 15.26 -3.28
CA ASP A 110 6.38 16.31 -4.00
C ASP A 110 7.65 15.74 -4.64
N ASP A 111 8.36 16.56 -5.41
CA ASP A 111 9.56 16.08 -6.10
C ASP A 111 10.57 15.49 -5.10
N ALA A 112 10.74 16.14 -3.94
CA ALA A 112 11.70 15.64 -2.95
C ALA A 112 11.36 14.23 -2.45
N LEU A 113 10.07 13.99 -2.21
CA LEU A 113 9.66 12.66 -1.76
C LEU A 113 9.85 11.63 -2.88
N VAL A 114 9.52 12.01 -4.10
CA VAL A 114 9.77 11.14 -5.27
C VAL A 114 11.26 10.80 -5.39
N ALA A 115 12.14 11.79 -5.19
CA ALA A 115 13.58 11.53 -5.26
C ALA A 115 14.04 10.58 -4.16
N ALA A 116 13.46 10.74 -2.96
CA ALA A 116 13.78 9.84 -1.86
C ALA A 116 13.32 8.41 -2.15
N LYS A 117 12.12 8.27 -2.72
CA LYS A 117 11.60 6.96 -3.10
C LYS A 117 12.44 6.33 -4.21
N ALA A 118 12.87 7.14 -5.18
CA ALA A 118 13.74 6.64 -6.26
C ALA A 118 15.05 6.10 -5.70
N ALA A 119 15.66 6.85 -4.77
CA ALA A 119 16.91 6.40 -4.15
C ALA A 119 16.70 5.11 -3.36
N THR A 120 15.62 5.03 -2.62
CA THR A 120 15.33 3.84 -1.83
C THR A 120 15.07 2.61 -2.74
N ALA A 121 14.38 2.83 -3.84
CA ALA A 121 14.17 1.78 -4.82
C ALA A 121 15.51 1.20 -5.28
N LEU A 122 16.44 2.09 -5.64
CA LEU A 122 17.76 1.67 -6.09
C LEU A 122 18.53 0.90 -5.01
N LYS A 123 18.38 1.32 -3.75
CA LYS A 123 19.05 0.62 -2.65
CA LYS A 123 19.00 0.66 -2.61
C LYS A 123 18.59 -0.81 -2.50
N HIS A 124 17.38 -1.11 -3.00
CA HIS A 124 16.84 -2.45 -2.94
C HIS A 124 16.94 -3.19 -4.26
N GLY A 125 17.73 -2.67 -5.19
CA GLY A 125 17.94 -3.34 -6.48
C GLY A 125 16.75 -3.27 -7.42
N LEU A 126 15.82 -2.37 -7.15
CA LEU A 126 14.66 -2.14 -8.01
C LEU A 126 14.95 -1.03 -9.00
N THR A 127 14.34 -1.11 -10.18
CA THR A 127 14.43 -0.06 -11.18
C THR A 127 13.24 0.88 -10.99
N PRO A 128 13.48 2.09 -10.47
CA PRO A 128 12.34 3.00 -10.33
C PRO A 128 11.91 3.53 -11.69
N ILE A 129 10.60 3.61 -11.89
CA ILE A 129 10.01 4.25 -13.06
C ILE A 129 9.53 5.60 -12.54
N VAL A 130 10.33 6.62 -12.81
CA VAL A 130 10.14 7.95 -12.23
C VAL A 130 9.23 8.75 -13.15
N CYS A 131 8.03 9.09 -12.66
CA CYS A 131 7.01 9.74 -13.49
C CYS A 131 7.03 11.24 -13.30
N ILE A 132 6.97 11.96 -14.41
CA ILE A 132 6.87 13.41 -14.43
C ILE A 132 5.84 13.83 -15.47
N GLY A 133 5.34 15.06 -15.38
CA GLY A 133 4.42 15.58 -16.39
C GLY A 133 3.72 16.84 -15.97
N GLU A 134 3.47 17.72 -16.94
CA GLU A 134 2.95 19.07 -16.67
C GLU A 134 1.45 19.21 -16.88
N HIS A 135 0.85 20.17 -16.18
N HIS A 135 0.86 20.19 -16.19
CA HIS A 135 -0.58 20.47 -16.29
CA HIS A 135 -0.57 20.49 -16.30
C HIS A 135 -0.90 21.37 -17.49
C HIS A 135 -0.89 21.37 -17.50
N LEU A 136 -2.19 21.53 -17.78
CA LEU A 136 -2.67 22.28 -18.94
C LEU A 136 -2.21 23.74 -18.96
N ASP A 137 -2.24 24.39 -17.80
CA ASP A 137 -1.82 25.80 -17.72
C ASP A 137 -0.37 25.99 -18.19
N VAL A 138 0.50 25.07 -17.79
CA VAL A 138 1.90 25.07 -18.19
C VAL A 138 2.04 24.83 -19.70
N ARG A 139 1.34 23.81 -20.20
CA ARG A 139 1.29 23.49 -21.62
C ARG A 139 0.76 24.67 -22.46
N GLU A 140 -0.33 25.27 -22.00
CA GLU A 140 -0.94 26.43 -22.69
C GLU A 140 -0.01 27.63 -22.75
N ALA A 141 0.78 27.83 -21.69
CA ALA A 141 1.77 28.91 -21.62
C ALA A 141 3.02 28.63 -22.46
N GLY A 142 3.11 27.43 -23.02
CA GLY A 142 4.26 27.03 -23.84
C GLY A 142 5.52 26.74 -23.04
N ASN A 143 5.37 26.50 -21.74
CA ASN A 143 6.52 26.32 -20.85
C ASN A 143 6.74 24.87 -20.46
N HIS A 144 6.16 23.98 -21.25
CA HIS A 144 6.15 22.55 -20.94
C HIS A 144 7.53 21.89 -20.88
N VAL A 145 8.42 22.24 -21.82
CA VAL A 145 9.75 21.65 -21.81
C VAL A 145 10.53 22.02 -20.53
N ALA A 146 10.58 23.31 -20.20
CA ALA A 146 11.33 23.76 -19.03
C ALA A 146 10.78 23.17 -17.73
N HIS A 147 9.45 23.11 -17.64
CA HIS A 147 8.80 22.62 -16.43
C HIS A 147 9.09 21.15 -16.20
N ASN A 148 9.07 20.37 -17.27
CA ASN A 148 9.40 18.95 -17.18
C ASN A 148 10.86 18.74 -16.79
N ILE A 149 11.76 19.57 -17.30
CA ILE A 149 13.18 19.45 -16.94
C ILE A 149 13.41 19.76 -15.46
N GLU A 150 12.73 20.78 -14.94
CA GLU A 150 12.83 21.12 -13.53
C GLU A 150 12.25 20.00 -12.65
N GLN A 151 11.11 19.44 -13.07
CA GLN A 151 10.51 18.34 -12.30
C GLN A 151 11.39 17.09 -12.34
N LEU A 152 12.00 16.82 -13.50
CA LEU A 152 12.97 15.75 -13.62
C LEU A 152 14.15 15.93 -12.65
N ARG A 153 14.76 17.12 -12.68
CA ARG A 153 15.89 17.42 -11.81
C ARG A 153 15.51 17.24 -10.35
N GLY A 154 14.34 17.76 -9.95
CA GLY A 154 13.90 17.63 -8.57
C GLY A 154 13.59 16.19 -8.16
N SER A 155 13.07 15.42 -9.09
CA SER A 155 12.68 14.03 -8.82
C SER A 155 13.84 13.05 -8.84
N LEU A 156 14.99 13.51 -9.36
CA LEU A 156 16.21 12.72 -9.38
C LEU A 156 17.28 13.30 -8.46
N ALA A 157 16.91 14.28 -7.64
CA ALA A 157 17.87 14.95 -6.76
C ALA A 157 18.63 13.96 -5.88
N GLY A 158 19.95 14.14 -5.79
CA GLY A 158 20.79 13.27 -4.97
C GLY A 158 21.45 12.12 -5.71
N LEU A 159 20.91 11.78 -6.89
CA LEU A 159 21.47 10.68 -7.69
C LEU A 159 22.67 11.17 -8.48
N LEU A 160 23.72 10.37 -8.49
CA LEU A 160 24.94 10.72 -9.22
C LEU A 160 24.98 10.01 -10.58
N ALA A 161 25.97 10.34 -11.41
CA ALA A 161 26.03 9.88 -12.80
C ALA A 161 25.78 8.38 -12.96
N GLU A 162 26.49 7.57 -12.19
CA GLU A 162 26.40 6.11 -12.27
C GLU A 162 24.99 5.60 -11.92
N GLN A 163 24.28 6.30 -11.04
CA GLN A 163 22.92 5.93 -10.62
C GLN A 163 21.85 6.27 -11.67
N ILE A 164 22.11 7.32 -12.45
CA ILE A 164 21.20 7.77 -13.51
C ILE A 164 20.93 6.63 -14.51
N GLY A 165 21.97 5.88 -14.85
CA GLY A 165 21.84 4.74 -15.75
C GLY A 165 20.91 3.64 -15.26
N SER A 166 20.53 3.67 -13.98
CA SER A 166 19.68 2.62 -13.39
C SER A 166 18.21 3.01 -13.19
N VAL A 167 17.82 4.18 -13.67
CA VAL A 167 16.41 4.59 -13.59
C VAL A 167 15.73 4.43 -14.94
N VAL A 168 14.40 4.44 -14.91
CA VAL A 168 13.57 4.61 -16.08
C VAL A 168 12.74 5.88 -15.83
N ILE A 169 12.50 6.67 -16.87
CA ILE A 169 11.64 7.86 -16.75
C ILE A 169 10.33 7.61 -17.51
N ALA A 170 9.21 8.08 -16.98
CA ALA A 170 7.96 8.05 -17.73
C ALA A 170 7.37 9.46 -17.78
N TYR A 171 7.03 9.90 -18.99
CA TYR A 171 6.38 11.18 -19.19
C TYR A 171 4.87 11.02 -19.27
N GLU A 172 4.15 11.58 -18.29
CA GLU A 172 2.68 11.57 -18.29
C GLU A 172 2.21 12.94 -18.76
N PRO A 173 1.60 13.03 -19.96
CA PRO A 173 1.04 14.29 -20.40
C PRO A 173 -0.29 14.53 -19.67
N VAL A 174 -0.16 14.93 -18.40
N VAL A 174 -0.23 14.92 -18.40
CA VAL A 174 -1.29 15.15 -17.48
CA VAL A 174 -1.46 15.02 -17.61
C VAL A 174 -2.31 16.13 -18.08
C VAL A 174 -2.37 16.16 -18.07
N TRP A 175 -1.78 17.12 -18.81
CA TRP A 175 -2.56 18.16 -19.48
C TRP A 175 -3.56 17.59 -20.48
N ALA A 176 -3.34 16.35 -20.90
CA ALA A 176 -4.23 15.64 -21.81
C ALA A 176 -5.13 14.60 -21.11
N ILE A 177 -5.00 14.46 -19.78
CA ILE A 177 -5.88 13.58 -19.00
C ILE A 177 -7.18 14.28 -18.63
N GLY A 178 -8.28 13.81 -19.23
CA GLY A 178 -9.61 14.32 -18.90
C GLY A 178 -9.83 15.79 -19.24
N THR A 179 -9.01 16.32 -20.13
CA THR A 179 -9.13 17.71 -20.56
C THR A 179 -9.70 17.80 -21.97
N GLY A 180 -9.79 16.65 -22.65
CA GLY A 180 -10.27 16.58 -24.03
C GLY A 180 -9.15 16.68 -25.05
N ARG A 181 -7.99 17.18 -24.60
CA ARG A 181 -6.83 17.36 -25.47
CA ARG A 181 -6.82 17.36 -25.47
C ARG A 181 -6.12 16.02 -25.74
N VAL A 182 -5.47 15.92 -26.89
CA VAL A 182 -4.75 14.71 -27.29
C VAL A 182 -3.27 15.00 -27.57
N ALA A 183 -2.38 14.33 -26.84
CA ALA A 183 -0.95 14.45 -27.07
C ALA A 183 -0.53 13.65 -28.30
N SER A 184 0.23 14.28 -29.18
CA SER A 184 0.71 13.61 -30.39
C SER A 184 2.05 12.92 -30.15
N ALA A 185 2.44 12.08 -31.10
CA ALA A 185 3.77 11.49 -31.11
C ALA A 185 4.84 12.59 -31.06
N ALA A 186 4.62 13.67 -31.81
CA ALA A 186 5.52 14.82 -31.83
C ALA A 186 5.66 15.47 -30.44
N ASP A 187 4.53 15.62 -29.75
CA ASP A 187 4.54 16.15 -28.37
C ASP A 187 5.40 15.26 -27.47
N ALA A 188 5.21 13.95 -27.57
CA ALA A 188 5.97 12.99 -26.76
C ALA A 188 7.45 13.12 -27.05
N GLN A 189 7.79 13.19 -28.34
CA GLN A 189 9.18 13.30 -28.75
C GLN A 189 9.85 14.58 -28.22
N GLU A 190 9.14 15.71 -28.28
CA GLU A 190 9.70 16.99 -27.82
C GLU A 190 10.12 16.90 -26.35
N VAL A 191 9.24 16.38 -25.50
CA VAL A 191 9.55 16.29 -24.09
C VAL A 191 10.59 15.20 -23.82
N CYS A 192 10.44 14.04 -24.45
CA CYS A 192 11.38 12.95 -24.19
C CYS A 192 12.81 13.26 -24.64
N ALA A 193 12.95 13.97 -25.76
CA ALA A 193 14.26 14.48 -26.19
C ALA A 193 14.89 15.40 -25.12
N ALA A 194 14.09 16.30 -24.55
CA ALA A 194 14.56 17.23 -23.52
C ALA A 194 14.95 16.46 -22.24
N ILE A 195 14.16 15.44 -21.90
CA ILE A 195 14.50 14.57 -20.78
C ILE A 195 15.87 13.93 -21.00
N ARG A 196 16.09 13.37 -22.18
CA ARG A 196 17.38 12.73 -22.42
C ARG A 196 18.55 13.71 -22.37
N LYS A 197 18.34 14.92 -22.87
CA LYS A 197 19.37 15.97 -22.82
C LYS A 197 19.74 16.29 -21.36
N GLU A 198 18.75 16.38 -20.48
CA GLU A 198 19.04 16.62 -19.06
C GLU A 198 19.73 15.43 -18.40
N LEU A 199 19.29 14.21 -18.72
CA LEU A 199 19.98 13.03 -18.21
C LEU A 199 21.46 13.01 -18.63
N ALA A 200 21.73 13.47 -19.85
CA ALA A 200 23.10 13.57 -20.35
C ALA A 200 23.94 14.55 -19.52
N SER A 201 23.31 15.65 -19.10
CA SER A 201 23.98 16.64 -18.25
C SER A 201 24.24 16.08 -16.84
N LEU A 202 23.30 15.29 -16.32
CA LEU A 202 23.44 14.66 -15.01
C LEU A 202 24.38 13.47 -15.04
N ALA A 203 24.68 12.96 -16.24
CA ALA A 203 25.57 11.82 -16.43
C ALA A 203 26.45 12.03 -17.66
N SER A 204 26.04 11.49 -18.81
CA SER A 204 26.73 11.70 -20.08
C SER A 204 25.76 11.30 -21.19
N PRO A 205 26.00 11.75 -22.44
CA PRO A 205 25.14 11.28 -23.53
C PRO A 205 25.11 9.75 -23.63
N ARG A 206 26.24 9.07 -23.42
CA ARG A 206 26.28 7.62 -23.50
C ARG A 206 25.36 6.97 -22.44
N ILE A 207 25.49 7.43 -21.19
CA ILE A 207 24.69 6.89 -20.08
C ILE A 207 23.22 7.19 -20.31
N ALA A 208 22.91 8.43 -20.70
CA ALA A 208 21.54 8.84 -21.02
C ALA A 208 20.97 8.00 -22.17
N ASP A 209 21.82 7.61 -23.11
CA ASP A 209 21.38 6.78 -24.24
C ASP A 209 21.06 5.34 -23.83
N THR A 210 21.36 4.95 -22.59
CA THR A 210 20.92 3.64 -22.06
C THR A 210 19.63 3.70 -21.25
N VAL A 211 19.18 4.90 -20.89
CA VAL A 211 18.01 5.07 -20.04
C VAL A 211 16.73 5.01 -20.87
N ARG A 212 15.82 4.10 -20.52
CA ARG A 212 14.53 4.05 -21.20
C ARG A 212 13.66 5.19 -20.70
N VAL A 213 13.09 5.92 -21.66
CA VAL A 213 12.15 7.01 -21.39
C VAL A 213 10.82 6.63 -22.03
N LEU A 214 9.81 6.44 -21.20
CA LEU A 214 8.53 5.90 -21.62
C LEU A 214 7.49 6.97 -21.80
N TYR A 215 6.57 6.75 -22.73
CA TYR A 215 5.38 7.55 -22.81
C TYR A 215 4.31 7.00 -21.88
N GLY A 216 3.77 7.88 -21.04
CA GLY A 216 2.78 7.49 -20.04
C GLY A 216 1.40 8.09 -20.26
N GLY A 217 1.12 8.53 -21.48
CA GLY A 217 -0.21 8.98 -21.86
C GLY A 217 -1.04 7.81 -22.35
N SER A 218 -2.17 8.13 -22.98
CA SER A 218 -3.10 7.12 -23.50
C SER A 218 -2.46 6.35 -24.66
N VAL A 219 -2.32 5.04 -24.48
CA VAL A 219 -1.65 4.16 -25.45
C VAL A 219 -2.64 3.07 -25.90
N ASN A 220 -2.81 2.94 -27.22
CA ASN A 220 -3.63 1.89 -27.81
C ASN A 220 -3.00 1.36 -29.10
N ALA A 221 -3.63 0.37 -29.74
CA ALA A 221 -3.02 -0.28 -30.91
C ALA A 221 -2.85 0.65 -32.11
N LYS A 222 -3.68 1.69 -32.16
CA LYS A 222 -3.65 2.60 -33.30
C LYS A 222 -2.64 3.75 -33.15
N ASN A 223 -2.20 4.04 -31.92
CA ASN A 223 -1.21 5.10 -31.70
C ASN A 223 0.15 4.66 -31.20
N VAL A 224 0.26 3.43 -30.68
CA VAL A 224 1.51 3.02 -30.03
C VAL A 224 2.69 3.00 -31.01
N GLY A 225 2.43 2.62 -32.26
CA GLY A 225 3.49 2.54 -33.27
C GLY A 225 4.13 3.89 -33.54
N ASP A 226 3.30 4.91 -33.79
CA ASP A 226 3.79 6.28 -34.03
C ASP A 226 4.60 6.78 -32.84
N ILE A 227 4.12 6.46 -31.62
CA ILE A 227 4.76 6.96 -30.42
C ILE A 227 6.13 6.32 -30.18
N VAL A 228 6.18 4.99 -30.24
N VAL A 228 6.19 4.99 -30.23
CA VAL A 228 7.43 4.28 -29.97
CA VAL A 228 7.44 4.29 -29.97
C VAL A 228 8.42 4.47 -31.13
C VAL A 228 8.42 4.36 -31.16
N ALA A 229 7.92 4.81 -32.32
CA ALA A 229 8.77 5.13 -33.47
C ALA A 229 9.65 6.36 -33.25
N GLN A 230 9.26 7.21 -32.29
CA GLN A 230 10.00 8.45 -32.02
C GLN A 230 11.38 8.14 -31.46
N ASP A 231 12.38 8.95 -31.84
CA ASP A 231 13.78 8.68 -31.50
C ASP A 231 14.03 8.54 -30.00
N ASP A 232 13.38 9.38 -29.21
CA ASP A 232 13.65 9.43 -27.78
C ASP A 232 12.59 8.81 -26.88
N VAL A 233 11.62 8.12 -27.50
CA VAL A 233 10.56 7.40 -26.78
C VAL A 233 10.84 5.91 -26.87
N ASP A 234 10.96 5.25 -25.73
CA ASP A 234 11.40 3.86 -25.66
C ASP A 234 10.34 2.86 -25.25
N GLY A 235 9.09 3.26 -25.29
CA GLY A 235 8.03 2.35 -24.89
C GLY A 235 6.95 3.11 -24.16
N GLY A 236 6.23 2.39 -23.31
CA GLY A 236 5.05 2.92 -22.67
C GLY A 236 4.87 2.45 -21.25
N LEU A 237 4.38 3.35 -20.40
CA LEU A 237 3.78 2.97 -19.10
C LEU A 237 2.28 3.04 -19.36
N VAL A 238 1.70 1.86 -19.58
CA VAL A 238 0.37 1.71 -20.13
C VAL A 238 -0.66 1.68 -19.02
N GLY A 239 -1.78 2.37 -19.22
CA GLY A 239 -2.88 2.40 -18.26
C GLY A 239 -3.91 1.32 -18.53
N GLY A 240 -5.12 1.71 -18.87
CA GLY A 240 -6.24 0.80 -19.01
C GLY A 240 -6.03 -0.40 -19.91
N ALA A 241 -5.32 -0.23 -21.03
CA ALA A 241 -5.03 -1.37 -21.92
C ALA A 241 -4.26 -2.52 -21.27
N SER A 242 -3.58 -2.22 -20.16
N SER A 242 -3.57 -2.20 -20.16
CA SER A 242 -2.82 -3.26 -19.47
CA SER A 242 -2.84 -3.20 -19.36
C SER A 242 -3.72 -4.32 -18.81
C SER A 242 -3.74 -4.34 -18.91
N LEU A 243 -5.01 -4.02 -18.67
CA LEU A 243 -5.95 -4.95 -18.04
C LEU A 243 -6.56 -5.96 -19.00
N ASP A 244 -6.33 -5.78 -20.30
CA ASP A 244 -6.82 -6.70 -21.31
C ASP A 244 -5.59 -7.40 -21.88
N GLY A 245 -5.46 -8.70 -21.61
CA GLY A 245 -4.23 -9.42 -21.94
C GLY A 245 -3.89 -9.40 -23.42
N GLU A 246 -4.92 -9.58 -24.24
N GLU A 246 -4.89 -9.57 -24.27
CA GLU A 246 -4.79 -9.53 -25.70
CA GLU A 246 -4.65 -9.55 -25.72
C GLU A 246 -4.29 -8.17 -26.17
C GLU A 246 -4.27 -8.15 -26.21
N HIS A 247 -4.96 -7.12 -25.72
CA HIS A 247 -4.62 -5.75 -26.09
C HIS A 247 -3.21 -5.40 -25.65
N PHE A 248 -2.87 -5.77 -24.41
CA PHE A 248 -1.55 -5.48 -23.89
C PHE A 248 -0.46 -6.22 -24.68
N ALA A 249 -0.67 -7.51 -24.97
CA ALA A 249 0.28 -8.25 -25.82
C ALA A 249 0.46 -7.60 -27.19
N THR A 250 -0.62 -7.09 -27.76
CA THR A 250 -0.55 -6.39 -29.05
C THR A 250 0.37 -5.17 -28.97
N LEU A 251 0.24 -4.39 -27.89
CA LEU A 251 1.11 -3.23 -27.71
C LEU A 251 2.58 -3.64 -27.65
N ALA A 252 2.85 -4.72 -26.92
CA ALA A 252 4.22 -5.22 -26.82
C ALA A 252 4.77 -5.63 -28.19
N ALA A 253 3.95 -6.34 -28.97
CA ALA A 253 4.35 -6.80 -30.30
C ALA A 253 4.66 -5.62 -31.23
N ILE A 254 3.84 -4.58 -31.17
CA ILE A 254 4.07 -3.38 -31.98
C ILE A 254 5.38 -2.69 -31.57
N ALA A 255 5.58 -2.52 -30.27
CA ALA A 255 6.80 -1.89 -29.76
C ALA A 255 8.08 -2.65 -30.13
N ALA A 256 7.97 -3.98 -30.19
CA ALA A 256 9.09 -4.85 -30.55
C ALA A 256 9.58 -4.59 -31.98
N GLY A 257 8.65 -4.25 -32.86
CA GLY A 257 8.97 -3.97 -34.27
C GLY A 257 9.47 -5.18 -35.02
N SER B 2 -20.20 -11.36 28.65
CA SER B 2 -18.92 -10.59 28.55
C SER B 2 -18.36 -10.63 27.13
N ARG B 3 -17.62 -9.58 26.77
CA ARG B 3 -16.95 -9.52 25.48
C ARG B 3 -15.68 -10.36 25.51
N LYS B 4 -15.48 -11.17 24.47
CA LYS B 4 -14.29 -12.01 24.37
C LYS B 4 -13.08 -11.12 24.01
N PRO B 5 -11.96 -11.25 24.74
CA PRO B 5 -10.82 -10.38 24.41
C PRO B 5 -10.24 -10.65 23.02
N LEU B 6 -9.62 -9.62 22.47
CA LEU B 6 -9.01 -9.65 21.15
C LEU B 6 -7.59 -9.10 21.24
N ILE B 7 -6.64 -9.89 20.78
CA ILE B 7 -5.25 -9.48 20.69
C ILE B 7 -4.89 -9.44 19.21
N ALA B 8 -4.69 -8.22 18.70
CA ALA B 8 -4.41 -8.03 17.29
C ALA B 8 -3.00 -7.46 17.14
N GLY B 9 -2.16 -8.15 16.37
CA GLY B 9 -0.78 -7.72 16.22
C GLY B 9 -0.54 -6.88 14.98
N ASN B 10 -0.29 -5.58 15.16
CA ASN B 10 0.03 -4.70 14.06
C ASN B 10 1.52 -4.80 13.76
N TRP B 11 1.87 -5.49 12.68
CA TRP B 11 3.28 -5.66 12.34
C TRP B 11 3.91 -4.38 11.83
N LYS B 12 3.10 -3.40 11.45
CA LYS B 12 3.58 -2.17 10.81
C LYS B 12 4.40 -2.52 9.58
N MET B 13 5.39 -1.69 9.21
CA MET B 13 6.15 -1.96 7.99
C MET B 13 7.35 -2.84 8.31
N ASN B 14 7.05 -4.11 8.62
CA ASN B 14 8.06 -5.09 8.99
C ASN B 14 7.65 -6.45 8.48
N LEU B 15 8.67 -7.17 8.01
CA LEU B 15 8.67 -8.61 7.66
C LEU B 15 8.29 -8.88 6.22
N ASN B 16 9.24 -9.44 5.47
CA ASN B 16 8.98 -9.89 4.12
C ASN B 16 8.14 -11.18 4.14
N HIS B 17 7.85 -11.74 2.98
CA HIS B 17 6.90 -12.85 2.94
C HIS B 17 7.45 -14.14 3.57
N TYR B 18 8.75 -14.36 3.47
CA TYR B 18 9.38 -15.50 4.13
C TYR B 18 9.26 -15.32 5.64
N GLU B 19 9.56 -14.12 6.12
CA GLU B 19 9.49 -13.86 7.54
C GLU B 19 8.06 -13.94 8.08
N ALA B 20 7.10 -13.57 7.24
CA ALA B 20 5.68 -13.64 7.61
C ALA B 20 5.26 -15.10 7.82
N ILE B 21 5.67 -15.96 6.90
CA ILE B 21 5.39 -17.39 6.99
C ILE B 21 6.00 -17.96 8.28
N ALA B 22 7.25 -17.59 8.55
CA ALA B 22 7.92 -18.10 9.73
C ALA B 22 7.23 -17.62 11.01
N LEU B 23 6.84 -16.35 11.05
CA LEU B 23 6.21 -15.81 12.26
C LEU B 23 4.85 -16.45 12.53
N VAL B 24 4.03 -16.60 11.49
CA VAL B 24 2.73 -17.23 11.69
C VAL B 24 2.89 -18.66 12.21
N GLN B 25 3.83 -19.40 11.62
CA GLN B 25 4.08 -20.77 12.08
C GLN B 25 4.62 -20.80 13.51
N LYS B 26 5.45 -19.83 13.87
CA LYS B 26 5.95 -19.75 15.25
C LYS B 26 4.82 -19.45 16.24
N ILE B 27 3.92 -18.53 15.89
CA ILE B 27 2.77 -18.25 16.73
C ILE B 27 1.88 -19.49 16.88
N ALA B 28 1.60 -20.16 15.77
CA ALA B 28 0.76 -21.37 15.82
C ALA B 28 1.40 -22.47 16.68
N PHE B 29 2.72 -22.60 16.58
CA PHE B 29 3.47 -23.58 17.38
C PHE B 29 3.45 -23.24 18.86
N SER B 30 3.50 -21.95 19.18
CA SER B 30 3.76 -21.49 20.55
C SER B 30 2.51 -21.34 21.40
N LEU B 31 1.36 -21.08 20.79
CA LEU B 31 0.13 -20.85 21.52
C LEU B 31 -0.73 -22.12 21.62
N PRO B 32 -0.86 -22.69 22.84
CA PRO B 32 -1.71 -23.88 22.96
C PRO B 32 -3.14 -23.63 22.49
N ASP B 33 -3.72 -24.62 21.80
CA ASP B 33 -5.06 -24.53 21.20
C ASP B 33 -6.14 -24.08 22.18
N LYS B 34 -6.03 -24.53 23.43
CA LYS B 34 -7.04 -24.23 24.45
C LYS B 34 -7.31 -22.73 24.60
N TYR B 35 -6.31 -21.90 24.31
CA TYR B 35 -6.47 -20.46 24.52
C TYR B 35 -7.44 -19.79 23.55
N TYR B 36 -7.61 -20.35 22.35
CA TYR B 36 -8.48 -19.72 21.34
C TYR B 36 -9.95 -19.68 21.78
N ASP B 37 -10.34 -20.58 22.68
CA ASP B 37 -11.68 -20.51 23.24
C ASP B 37 -11.90 -19.29 24.11
N ARG B 38 -10.80 -18.68 24.57
CA ARG B 38 -10.87 -17.60 25.55
C ARG B 38 -10.31 -16.26 25.04
N VAL B 39 -9.66 -16.27 23.88
CA VAL B 39 -9.13 -15.04 23.30
C VAL B 39 -9.12 -15.18 21.78
N ASP B 40 -9.50 -14.12 21.08
CA ASP B 40 -9.33 -14.05 19.63
C ASP B 40 -7.96 -13.45 19.32
N VAL B 41 -7.27 -14.04 18.36
CA VAL B 41 -5.91 -13.63 18.03
C VAL B 41 -5.84 -13.33 16.54
N ALA B 42 -5.32 -12.16 16.18
CA ALA B 42 -5.16 -11.75 14.78
C ALA B 42 -3.77 -11.20 14.52
N VAL B 43 -3.27 -11.45 13.32
CA VAL B 43 -2.03 -10.81 12.84
C VAL B 43 -2.38 -9.83 11.72
N ILE B 44 -1.65 -8.72 11.66
CA ILE B 44 -1.94 -7.66 10.69
CA ILE B 44 -1.94 -7.67 10.68
C ILE B 44 -0.66 -7.32 9.91
N PRO B 45 -0.35 -8.12 8.87
CA PRO B 45 0.88 -7.95 8.13
C PRO B 45 0.82 -6.86 7.06
N PRO B 46 1.98 -6.47 6.51
CA PRO B 46 2.00 -5.65 5.30
C PRO B 46 1.22 -6.30 4.16
N PHE B 47 0.75 -5.47 3.22
CA PHE B 47 -0.07 -5.95 2.11
C PHE B 47 0.55 -7.11 1.36
N THR B 48 1.86 -7.04 1.16
CA THR B 48 2.56 -7.99 0.32
C THR B 48 2.68 -9.39 0.97
N ASP B 49 2.36 -9.49 2.26
CA ASP B 49 2.45 -10.75 3.01
C ASP B 49 1.11 -11.47 3.11
N LEU B 50 0.02 -10.85 2.65
CA LEU B 50 -1.32 -11.37 2.94
C LEU B 50 -1.64 -12.71 2.29
N ARG B 51 -1.29 -12.87 1.02
N ARG B 51 -1.27 -12.86 1.02
CA ARG B 51 -1.54 -14.14 0.35
CA ARG B 51 -1.49 -14.11 0.29
C ARG B 51 -0.82 -15.28 1.06
C ARG B 51 -0.76 -15.29 0.92
N SER B 52 0.43 -15.03 1.47
CA SER B 52 1.21 -16.05 2.19
C SER B 52 0.51 -16.47 3.48
N VAL B 53 0.02 -15.50 4.24
CA VAL B 53 -0.68 -15.79 5.48
C VAL B 53 -1.99 -16.53 5.20
N GLN B 54 -2.73 -16.11 4.16
CA GLN B 54 -3.96 -16.81 3.78
C GLN B 54 -3.72 -18.30 3.54
N THR B 55 -2.63 -18.63 2.83
CA THR B 55 -2.32 -20.03 2.49
C THR B 55 -2.15 -20.88 3.72
N LEU B 56 -1.44 -20.35 4.72
CA LEU B 56 -1.20 -21.07 5.96
C LEU B 56 -2.45 -21.21 6.78
N VAL B 57 -3.17 -20.11 6.94
CA VAL B 57 -4.36 -20.11 7.78
C VAL B 57 -5.39 -21.07 7.19
N ASP B 58 -5.62 -20.99 5.88
CA ASP B 58 -6.59 -21.88 5.25
C ASP B 58 -6.08 -23.32 5.20
N GLY B 59 -4.82 -23.53 4.85
CA GLY B 59 -4.30 -24.88 4.67
C GLY B 59 -4.08 -25.66 5.96
N ASP B 60 -3.75 -24.96 7.04
CA ASP B 60 -3.55 -25.56 8.36
C ASP B 60 -4.81 -25.43 9.23
N LYS B 61 -5.86 -24.81 8.71
CA LYS B 61 -7.11 -24.54 9.47
C LYS B 61 -6.78 -23.85 10.81
N LEU B 62 -5.93 -22.83 10.73
CA LEU B 62 -5.52 -22.11 11.93
C LEU B 62 -6.67 -21.31 12.49
N ARG B 63 -6.68 -21.20 13.81
CA ARG B 63 -7.70 -20.41 14.51
C ARG B 63 -7.37 -18.92 14.59
N LEU B 64 -6.12 -18.57 14.35
N LEU B 64 -6.12 -18.61 14.25
CA LEU B 64 -5.82 -17.15 14.27
CA LEU B 64 -5.63 -17.25 14.03
C LEU B 64 -6.44 -16.59 13.00
C LEU B 64 -6.36 -16.57 12.88
N THR B 65 -6.78 -15.31 13.06
CA THR B 65 -7.30 -14.54 11.93
C THR B 65 -6.28 -13.49 11.52
N TYR B 66 -6.59 -12.72 10.48
CA TYR B 66 -5.62 -11.74 10.02
C TYR B 66 -6.31 -10.56 9.36
N GLY B 67 -5.54 -9.53 9.10
CA GLY B 67 -6.08 -8.34 8.48
C GLY B 67 -5.00 -7.49 7.88
N ALA B 68 -5.42 -6.35 7.31
CA ALA B 68 -4.49 -5.40 6.68
C ALA B 68 -4.40 -4.10 7.46
N GLN B 69 -3.43 -3.28 7.08
CA GLN B 69 -3.09 -2.06 7.82
C GLN B 69 -3.73 -0.78 7.29
N ASP B 70 -4.41 -0.86 6.14
CA ASP B 70 -5.05 0.29 5.48
C ASP B 70 -5.87 -0.22 4.29
N LEU B 71 -6.71 0.64 3.74
CA LEU B 71 -7.35 0.39 2.45
C LEU B 71 -7.80 1.73 1.84
N SER B 72 -8.07 1.71 0.55
CA SER B 72 -8.59 2.87 -0.16
C SER B 72 -10.05 3.15 0.20
N PRO B 73 -10.48 4.43 0.13
CA PRO B 73 -11.92 4.64 0.24
C PRO B 73 -12.71 4.16 -0.99
N HIS B 74 -12.01 3.87 -2.09
CA HIS B 74 -12.66 3.44 -3.34
C HIS B 74 -12.55 1.94 -3.54
N ASP B 75 -13.45 1.40 -4.36
CA ASP B 75 -13.45 -0.04 -4.63
C ASP B 75 -12.45 -0.44 -5.70
N SER B 76 -12.26 0.42 -6.68
CA SER B 76 -11.37 0.12 -7.81
C SER B 76 -11.04 1.40 -8.55
N GLY B 77 -10.05 1.34 -9.43
CA GLY B 77 -9.87 2.39 -10.40
C GLY B 77 -8.48 3.00 -10.42
N ALA B 78 -8.44 4.23 -10.88
CA ALA B 78 -7.18 4.91 -11.20
C ALA B 78 -6.56 5.55 -9.97
N TYR B 79 -6.07 4.67 -9.08
CA TYR B 79 -5.49 5.05 -7.79
C TYR B 79 -4.17 4.30 -7.62
N THR B 80 -3.19 4.68 -8.45
CA THR B 80 -1.91 3.98 -8.47
C THR B 80 -1.31 3.88 -7.07
N GLY B 81 -0.94 2.65 -6.69
CA GLY B 81 -0.35 2.37 -5.39
C GLY B 81 -1.31 1.97 -4.29
N ASP B 82 -2.61 2.16 -4.52
CA ASP B 82 -3.61 1.94 -3.46
C ASP B 82 -4.24 0.55 -3.50
N VAL B 83 -4.70 0.08 -2.34
CA VAL B 83 -5.23 -1.29 -2.22
C VAL B 83 -6.70 -1.25 -1.84
N SER B 84 -7.50 -2.06 -2.53
CA SER B 84 -8.94 -2.10 -2.32
C SER B 84 -9.36 -3.13 -1.28
N GLY B 85 -10.39 -2.76 -0.52
CA GLY B 85 -11.07 -3.71 0.36
C GLY B 85 -11.58 -4.94 -0.36
N ALA B 86 -11.88 -4.84 -1.66
CA ALA B 86 -12.27 -6.02 -2.44
C ALA B 86 -11.13 -7.03 -2.48
N PHE B 87 -9.90 -6.54 -2.63
CA PHE B 87 -8.73 -7.42 -2.69
C PHE B 87 -8.54 -8.08 -1.32
N LEU B 88 -8.69 -7.30 -0.25
CA LEU B 88 -8.51 -7.83 1.11
C LEU B 88 -9.53 -8.90 1.43
N ALA B 89 -10.78 -8.67 1.04
CA ALA B 89 -11.84 -9.66 1.25
C ALA B 89 -11.53 -10.98 0.51
N LYS B 90 -11.07 -10.89 -0.74
CA LYS B 90 -10.70 -12.09 -1.50
C LYS B 90 -9.51 -12.84 -0.91
N LEU B 91 -8.65 -12.13 -0.19
CA LEU B 91 -7.54 -12.73 0.54
C LEU B 91 -7.95 -13.30 1.89
N GLY B 92 -9.25 -13.20 2.24
CA GLY B 92 -9.74 -13.78 3.50
C GLY B 92 -9.43 -12.96 4.74
N CYS B 93 -9.07 -11.69 4.55
CA CYS B 93 -8.89 -10.80 5.70
C CYS B 93 -10.16 -10.66 6.51
N SER B 94 -10.02 -10.67 7.84
CA SER B 94 -11.13 -10.39 8.76
C SER B 94 -11.16 -8.93 9.17
N TYR B 95 -9.98 -8.30 9.26
CA TYR B 95 -9.82 -6.96 9.80
C TYR B 95 -9.12 -6.03 8.83
N VAL B 96 -9.33 -4.74 9.04
CA VAL B 96 -8.46 -3.72 8.43
C VAL B 96 -8.35 -2.54 9.37
N VAL B 97 -7.12 -2.10 9.60
CA VAL B 97 -6.87 -0.93 10.45
C VAL B 97 -7.16 0.33 9.64
N VAL B 98 -7.92 1.26 10.23
CA VAL B 98 -8.19 2.55 9.62
C VAL B 98 -7.88 3.68 10.60
N GLY B 99 -7.19 4.70 10.10
CA GLY B 99 -6.89 5.86 10.93
C GLY B 99 -5.79 5.66 11.97
N HIS B 100 -4.89 4.71 11.76
CA HIS B 100 -3.77 4.57 12.67
C HIS B 100 -3.05 5.91 12.79
N SER B 101 -2.57 6.22 14.00
CA SER B 101 -1.89 7.49 14.21
C SER B 101 -0.73 7.74 13.24
N GLU B 102 -0.03 6.68 12.80
CA GLU B 102 1.06 6.88 11.84
C GLU B 102 0.53 7.38 10.49
N ARG B 103 -0.65 6.93 10.10
CA ARG B 103 -1.24 7.44 8.85
C ARG B 103 -1.80 8.84 9.01
N ARG B 104 -2.33 9.13 10.19
CA ARG B 104 -2.76 10.50 10.48
C ARG B 104 -1.56 11.46 10.44
N THR B 105 -0.40 11.03 10.93
CA THR B 105 0.82 11.87 10.93
C THR B 105 1.45 11.96 9.54
N TYR B 106 1.83 10.81 8.98
CA TYR B 106 2.67 10.80 7.79
C TYR B 106 1.89 10.97 6.51
N HIS B 107 0.59 10.68 6.56
CA HIS B 107 -0.23 10.69 5.34
C HIS B 107 -1.44 11.59 5.45
N ASN B 108 -1.43 12.45 6.48
CA ASN B 108 -2.43 13.51 6.67
C ASN B 108 -3.89 13.05 6.73
N GLU B 109 -4.10 11.81 7.13
CA GLU B 109 -5.47 11.29 7.17
C GLU B 109 -6.30 12.02 8.22
N ASP B 110 -7.49 12.44 7.83
CA ASP B 110 -8.39 13.12 8.75
C ASP B 110 -9.58 12.25 9.16
N ASP B 111 -10.35 12.71 10.14
CA ASP B 111 -11.47 11.91 10.66
C ASP B 111 -12.45 11.54 9.55
N ALA B 112 -12.75 12.49 8.64
CA ALA B 112 -13.69 12.23 7.55
C ALA B 112 -13.19 11.12 6.63
N LEU B 113 -11.90 11.11 6.34
CA LEU B 113 -11.34 10.04 5.52
C LEU B 113 -11.44 8.69 6.24
N VAL B 114 -11.16 8.69 7.54
CA VAL B 114 -11.23 7.47 8.31
C VAL B 114 -12.66 6.94 8.31
N ALA B 115 -13.65 7.82 8.45
CA ALA B 115 -15.04 7.39 8.42
C ALA B 115 -15.42 6.79 7.07
N ALA B 116 -14.90 7.39 5.99
CA ALA B 116 -15.13 6.85 4.65
C ALA B 116 -14.46 5.48 4.46
N LYS B 117 -13.23 5.35 4.96
CA LYS B 117 -12.54 4.06 4.92
C LYS B 117 -13.27 2.98 5.74
N ALA B 118 -13.79 3.37 6.91
CA ALA B 118 -14.53 2.42 7.73
C ALA B 118 -15.78 1.93 6.98
N ALA B 119 -16.51 2.84 6.33
CA ALA B 119 -17.70 2.45 5.55
C ALA B 119 -17.32 1.51 4.40
N THR B 120 -16.24 1.83 3.69
CA THR B 120 -15.79 0.97 2.60
C THR B 120 -15.36 -0.41 3.10
N ALA B 121 -14.64 -0.44 4.22
CA ALA B 121 -14.28 -1.72 4.84
C ALA B 121 -15.52 -2.60 5.09
N LEU B 122 -16.53 -2.01 5.71
CA LEU B 122 -17.77 -2.72 6.03
C LEU B 122 -18.47 -3.20 4.76
N LYS B 123 -18.44 -2.40 3.70
CA LYS B 123 -19.04 -2.77 2.42
C LYS B 123 -18.43 -4.07 1.89
N HIS B 124 -17.15 -4.30 2.18
CA HIS B 124 -16.47 -5.50 1.73
C HIS B 124 -16.43 -6.60 2.78
N GLY B 125 -17.26 -6.48 3.81
CA GLY B 125 -17.35 -7.52 4.84
C GLY B 125 -16.16 -7.59 5.79
N LEU B 126 -15.35 -6.53 5.81
CA LEU B 126 -14.21 -6.45 6.73
C LEU B 126 -14.61 -5.77 8.03
N THR B 127 -13.94 -6.12 9.12
CA THR B 127 -14.11 -5.44 10.39
C THR B 127 -13.04 -4.35 10.50
N PRO B 128 -13.47 -3.07 10.37
CA PRO B 128 -12.45 -2.04 10.56
C PRO B 128 -12.06 -1.87 12.03
N ILE B 129 -10.77 -1.66 12.27
CA ILE B 129 -10.25 -1.29 13.58
C ILE B 129 -9.98 0.21 13.48
N VAL B 130 -10.91 0.98 14.05
CA VAL B 130 -10.92 2.44 13.91
C VAL B 130 -10.11 3.04 15.05
N CYS B 131 -8.98 3.66 14.69
CA CYS B 131 -8.03 4.14 15.67
C CYS B 131 -8.23 5.63 15.93
N ILE B 132 -8.26 5.98 17.20
CA ILE B 132 -8.36 7.38 17.66
C ILE B 132 -7.41 7.59 18.82
N GLY B 133 -7.10 8.85 19.14
CA GLY B 133 -6.35 9.14 20.37
C GLY B 133 -5.71 10.50 20.33
N GLU B 134 -5.61 11.11 21.52
CA GLU B 134 -5.18 12.51 21.62
C GLU B 134 -3.68 12.66 21.80
N HIS B 135 -3.18 13.81 21.36
CA HIS B 135 -1.75 14.11 21.41
C HIS B 135 -1.37 14.78 22.72
N LEU B 136 -0.07 15.01 22.90
CA LEU B 136 0.48 15.49 24.17
C LEU B 136 -0.14 16.81 24.67
N ASP B 137 -0.25 17.80 23.79
CA ASP B 137 -0.78 19.10 24.20
C ASP B 137 -2.20 18.99 24.78
N VAL B 138 -3.03 18.20 24.11
CA VAL B 138 -4.41 17.97 24.54
C VAL B 138 -4.48 17.24 25.89
N ARG B 139 -3.69 16.19 26.03
CA ARG B 139 -3.57 15.47 27.30
C ARG B 139 -3.12 16.40 28.42
N GLU B 140 -2.09 17.22 28.15
CA GLU B 140 -1.58 18.17 29.15
C GLU B 140 -2.62 19.21 29.58
N ALA B 141 -3.56 19.52 28.68
CA ALA B 141 -4.65 20.46 28.99
C ALA B 141 -5.72 19.83 29.88
N GLY B 142 -5.54 18.54 30.20
CA GLY B 142 -6.50 17.79 31.01
C GLY B 142 -7.70 17.31 30.23
N ASN B 143 -7.63 17.43 28.91
CA ASN B 143 -8.69 16.98 28.03
C ASN B 143 -8.48 15.49 27.70
N HIS B 144 -8.84 14.60 28.64
CA HIS B 144 -8.59 13.17 28.50
C HIS B 144 -9.70 12.54 27.67
N VAL B 145 -10.86 13.17 27.65
CA VAL B 145 -12.07 12.53 27.13
C VAL B 145 -12.74 13.28 25.97
N ALA B 146 -12.97 14.58 26.13
CA ALA B 146 -13.76 15.32 25.16
C ALA B 146 -13.18 15.28 23.74
N HIS B 147 -11.86 15.45 23.63
CA HIS B 147 -11.21 15.43 22.31
C HIS B 147 -11.35 14.05 21.66
N ASN B 148 -11.18 13.00 22.46
CA ASN B 148 -11.40 11.63 21.99
C ASN B 148 -12.82 11.39 21.52
N ILE B 149 -13.79 11.93 22.26
CA ILE B 149 -15.19 11.80 21.87
C ILE B 149 -15.48 12.49 20.54
N GLU B 150 -14.93 13.69 20.34
CA GLU B 150 -15.11 14.36 19.05
C GLU B 150 -14.45 13.58 17.92
N GLN B 151 -13.28 13.01 18.17
CA GLN B 151 -12.60 12.23 17.15
C GLN B 151 -13.35 10.93 16.83
N LEU B 152 -13.93 10.32 17.86
CA LEU B 152 -14.76 9.15 17.66
C LEU B 152 -15.99 9.49 16.79
N ARG B 153 -16.67 10.59 17.15
CA ARG B 153 -17.82 11.03 16.38
C ARG B 153 -17.44 11.29 14.92
N GLY B 154 -16.31 11.95 14.69
CA GLY B 154 -15.88 12.26 13.33
C GLY B 154 -15.48 11.03 12.54
N SER B 155 -14.82 10.10 13.22
CA SER B 155 -14.27 8.91 12.55
C SER B 155 -15.31 7.82 12.30
N LEU B 156 -16.49 7.96 12.92
CA LEU B 156 -17.62 7.05 12.68
C LEU B 156 -18.77 7.77 11.99
N ALA B 157 -18.53 8.98 11.52
CA ALA B 157 -19.62 9.80 10.96
C ALA B 157 -20.32 9.09 9.83
N GLY B 158 -21.65 9.10 9.87
CA GLY B 158 -22.45 8.54 8.79
C GLY B 158 -22.73 7.05 8.87
N LEU B 159 -22.07 6.35 9.79
CA LEU B 159 -22.33 4.91 9.94
C LEU B 159 -23.67 4.66 10.62
N LEU B 160 -24.38 3.65 10.14
CA LEU B 160 -25.65 3.24 10.76
C LEU B 160 -25.35 2.50 12.07
N ALA B 161 -26.35 2.42 12.94
CA ALA B 161 -26.15 1.76 14.24
C ALA B 161 -25.60 0.33 14.12
N GLU B 162 -26.15 -0.44 13.19
CA GLU B 162 -25.69 -1.82 12.99
C GLU B 162 -24.27 -1.88 12.41
N GLN B 163 -23.89 -0.86 11.65
CA GLN B 163 -22.51 -0.74 11.18
C GLN B 163 -21.54 -0.46 12.34
N ILE B 164 -21.93 0.43 13.25
CA ILE B 164 -21.15 0.65 14.46
C ILE B 164 -20.96 -0.65 15.26
N GLY B 165 -22.00 -1.48 15.32
CA GLY B 165 -21.89 -2.79 15.97
C GLY B 165 -20.94 -3.77 15.27
N SER B 166 -20.48 -3.40 14.07
CA SER B 166 -19.57 -4.24 13.28
C SER B 166 -18.15 -3.68 13.21
N VAL B 167 -17.84 -2.64 13.99
CA VAL B 167 -16.47 -2.12 14.05
C VAL B 167 -15.80 -2.50 15.35
N VAL B 168 -14.48 -2.33 15.38
CA VAL B 168 -13.66 -2.38 16.60
C VAL B 168 -13.07 -0.98 16.72
N ILE B 169 -12.97 -0.48 17.95
CA ILE B 169 -12.28 0.80 18.19
C ILE B 169 -10.95 0.51 18.86
N ALA B 170 -9.91 1.25 18.50
CA ALA B 170 -8.65 1.18 19.23
C ALA B 170 -8.24 2.57 19.71
N TYR B 171 -7.98 2.67 21.01
CA TYR B 171 -7.49 3.91 21.59
C TYR B 171 -5.97 3.92 21.63
N GLU B 172 -5.37 4.83 20.87
CA GLU B 172 -3.92 5.05 20.89
C GLU B 172 -3.61 6.30 21.72
N PRO B 173 -2.94 6.11 22.87
CA PRO B 173 -2.54 7.29 23.65
C PRO B 173 -1.34 7.96 22.99
N VAL B 174 -1.61 8.76 21.96
CA VAL B 174 -0.54 9.35 21.16
C VAL B 174 0.38 10.21 22.04
N TRP B 175 -0.21 10.81 23.07
CA TRP B 175 0.53 11.56 24.09
C TRP B 175 1.62 10.77 24.81
N ALA B 176 1.57 9.45 24.71
CA ALA B 176 2.58 8.58 25.28
C ALA B 176 3.54 7.98 24.22
N ILE B 177 3.53 8.53 23.00
CA ILE B 177 4.46 8.11 21.91
C ILE B 177 5.59 9.11 21.71
N GLY B 178 6.81 8.69 22.05
CA GLY B 178 8.01 9.51 21.88
C GLY B 178 8.05 10.76 22.74
N THR B 179 7.28 10.77 23.82
CA THR B 179 7.20 11.93 24.70
C THR B 179 7.83 11.68 26.06
N GLY B 180 8.09 10.42 26.39
CA GLY B 180 8.50 10.05 27.73
C GLY B 180 7.37 9.76 28.70
N ARG B 181 6.13 10.10 28.33
CA ARG B 181 4.95 9.81 29.15
CA ARG B 181 4.97 9.80 29.16
C ARG B 181 4.55 8.34 29.06
N VAL B 182 3.96 7.82 30.15
CA VAL B 182 3.47 6.45 30.22
C VAL B 182 1.96 6.47 30.53
N ALA B 183 1.19 5.72 29.75
CA ALA B 183 -0.26 5.58 29.98
C ALA B 183 -0.53 4.36 30.85
N SER B 184 -1.21 4.57 31.97
CA SER B 184 -1.52 3.47 32.89
C SER B 184 -2.75 2.70 32.41
N ALA B 185 -3.00 1.54 33.01
CA ALA B 185 -4.25 0.82 32.73
C ALA B 185 -5.47 1.66 33.13
N ALA B 186 -5.36 2.44 34.20
CA ALA B 186 -6.43 3.35 34.61
C ALA B 186 -6.68 4.43 33.56
N ASP B 187 -5.62 4.96 32.96
CA ASP B 187 -5.76 5.91 31.85
C ASP B 187 -6.53 5.29 30.69
N ALA B 188 -6.18 4.04 30.35
CA ALA B 188 -6.88 3.32 29.28
C ALA B 188 -8.36 3.15 29.62
N GLN B 189 -8.64 2.76 30.85
CA GLN B 189 -10.02 2.56 31.30
C GLN B 189 -10.86 3.84 31.21
N GLU B 190 -10.29 4.97 31.62
CA GLU B 190 -11.02 6.23 31.58
C GLU B 190 -11.52 6.55 30.16
N VAL B 191 -10.62 6.42 29.19
CA VAL B 191 -10.98 6.74 27.81
C VAL B 191 -11.91 5.69 27.21
N CYS B 192 -11.59 4.41 27.44
CA CYS B 192 -12.39 3.34 26.84
C CYS B 192 -13.82 3.31 27.40
N ALA B 193 -13.98 3.59 28.68
CA ALA B 193 -15.32 3.71 29.25
C ALA B 193 -16.12 4.83 28.57
N ALA B 194 -15.46 5.97 28.34
CA ALA B 194 -16.12 7.09 27.66
C ALA B 194 -16.45 6.77 26.21
N ILE B 195 -15.55 6.06 25.52
CA ILE B 195 -15.81 5.63 24.16
C ILE B 195 -17.09 4.79 24.13
N ARG B 196 -17.19 3.83 25.05
CA ARG B 196 -18.34 2.93 25.04
C ARG B 196 -19.66 3.70 25.30
N LYS B 197 -19.62 4.65 26.23
N LYS B 197 -19.63 4.66 26.22
CA LYS B 197 -20.80 5.44 26.54
CA LYS B 197 -20.83 5.43 26.53
C LYS B 197 -21.26 6.23 25.31
C LYS B 197 -21.24 6.40 25.42
N GLU B 198 -20.30 6.76 24.55
CA GLU B 198 -20.63 7.50 23.33
C GLU B 198 -21.17 6.57 22.23
N LEU B 199 -20.58 5.37 22.12
CA LEU B 199 -21.12 4.36 21.20
C LEU B 199 -22.58 4.02 21.49
N ALA B 200 -22.95 4.03 22.77
CA ALA B 200 -24.32 3.76 23.19
C ALA B 200 -25.27 4.82 22.68
N SER B 201 -24.78 6.06 22.61
CA SER B 201 -25.53 7.18 22.08
C SER B 201 -25.61 7.15 20.54
N LEU B 202 -24.47 6.88 19.90
CA LEU B 202 -24.42 6.87 18.43
C LEU B 202 -25.17 5.67 17.84
N ALA B 203 -25.16 4.56 18.58
CA ALA B 203 -25.84 3.33 18.18
C ALA B 203 -26.96 3.06 19.20
N SER B 204 -26.77 2.07 20.07
CA SER B 204 -27.69 1.79 21.17
C SER B 204 -26.89 1.20 22.33
N PRO B 205 -27.45 1.23 23.55
CA PRO B 205 -26.77 0.57 24.68
C PRO B 205 -26.44 -0.90 24.40
N ARG B 206 -27.40 -1.64 23.83
CA ARG B 206 -27.17 -3.05 23.53
C ARG B 206 -26.01 -3.22 22.54
N ILE B 207 -26.02 -2.42 21.48
CA ILE B 207 -24.96 -2.50 20.50
C ILE B 207 -23.60 -2.16 21.10
N ALA B 208 -23.55 -1.09 21.89
CA ALA B 208 -22.28 -0.63 22.48
C ALA B 208 -21.67 -1.67 23.39
N ASP B 209 -22.52 -2.45 24.07
CA ASP B 209 -22.03 -3.51 24.94
C ASP B 209 -21.36 -4.66 24.20
N THR B 210 -21.57 -4.74 22.89
CA THR B 210 -20.94 -5.76 22.05
C THR B 210 -19.68 -5.28 21.34
N VAL B 211 -19.44 -3.98 21.27
CA VAL B 211 -18.32 -3.45 20.49
C VAL B 211 -17.01 -3.62 21.26
N ARG B 212 -16.03 -4.26 20.63
CA ARG B 212 -14.72 -4.40 21.27
C ARG B 212 -13.92 -3.12 21.13
N VAL B 213 -13.44 -2.63 22.27
CA VAL B 213 -12.63 -1.41 22.37
C VAL B 213 -11.25 -1.82 22.86
N LEU B 214 -10.24 -1.66 22.01
CA LEU B 214 -8.88 -2.11 22.31
C LEU B 214 -8.00 -0.97 22.77
N TYR B 215 -7.02 -1.31 23.59
CA TYR B 215 -5.95 -0.39 23.91
C TYR B 215 -4.84 -0.53 22.89
N GLY B 216 -4.41 0.60 22.33
CA GLY B 216 -3.38 0.61 21.30
C GLY B 216 -2.12 1.36 21.67
N GLY B 217 -1.85 1.52 22.96
CA GLY B 217 -0.56 2.01 23.42
C GLY B 217 0.42 0.87 23.53
N SER B 218 1.50 1.08 24.27
N SER B 218 1.49 1.10 24.27
CA SER B 218 2.53 0.06 24.43
CA SER B 218 2.50 0.07 24.52
C SER B 218 2.02 -1.13 25.23
C SER B 218 1.88 -1.13 25.22
N VAL B 219 1.97 -2.29 24.57
CA VAL B 219 1.47 -3.53 25.16
C VAL B 219 2.58 -4.58 25.17
N ASN B 220 2.89 -5.09 26.35
CA ASN B 220 3.90 -6.13 26.49
C ASN B 220 3.50 -7.09 27.60
N ALA B 221 4.35 -8.07 27.85
CA ALA B 221 4.00 -9.14 28.79
C ALA B 221 3.79 -8.63 30.21
N LYS B 222 4.47 -7.54 30.54
CA LYS B 222 4.41 -7.00 31.89
C LYS B 222 3.16 -6.18 32.17
N ASN B 223 2.52 -5.66 31.11
CA ASN B 223 1.36 -4.80 31.30
C ASN B 223 0.03 -5.27 30.70
N VAL B 224 0.07 -6.32 29.87
CA VAL B 224 -1.15 -6.72 29.15
C VAL B 224 -2.27 -7.19 30.09
N GLY B 225 -1.90 -7.91 31.15
CA GLY B 225 -2.87 -8.37 32.12
C GLY B 225 -3.66 -7.23 32.75
N ASP B 226 -2.96 -6.17 33.15
CA ASP B 226 -3.64 -5.05 33.81
C ASP B 226 -4.57 -4.32 32.84
N ILE B 227 -4.11 -4.22 31.60
CA ILE B 227 -4.87 -3.53 30.56
C ILE B 227 -6.19 -4.27 30.29
N VAL B 228 -6.10 -5.57 30.03
N VAL B 228 -6.09 -5.59 30.02
CA VAL B 228 -7.30 -6.31 29.67
CA VAL B 228 -7.25 -6.41 29.69
C VAL B 228 -8.21 -6.54 30.88
C VAL B 228 -8.18 -6.62 30.89
N ALA B 229 -7.65 -6.44 32.10
CA ALA B 229 -8.44 -6.52 33.33
C ALA B 229 -9.47 -5.40 33.49
N GLN B 230 -9.30 -4.30 32.76
CA GLN B 230 -10.19 -3.15 32.93
C GLN B 230 -11.56 -3.43 32.33
N ASP B 231 -12.60 -2.86 32.97
CA ASP B 231 -13.99 -3.15 32.61
C ASP B 231 -14.31 -2.88 31.14
N ASP B 232 -13.77 -1.80 30.59
CA ASP B 232 -14.16 -1.36 29.25
C ASP B 232 -13.08 -1.54 28.20
N VAL B 233 -12.00 -2.23 28.57
CA VAL B 233 -10.91 -2.52 27.64
C VAL B 233 -10.98 -3.99 27.25
N ASP B 234 -11.06 -4.26 25.95
CA ASP B 234 -11.34 -5.62 25.45
C ASP B 234 -10.18 -6.29 24.78
N GLY B 235 -8.99 -5.76 24.95
CA GLY B 235 -7.81 -6.32 24.31
C GLY B 235 -6.83 -5.26 23.87
N GLY B 236 -5.98 -5.62 22.93
CA GLY B 236 -4.87 -4.77 22.53
C GLY B 236 -4.64 -4.79 21.04
N LEU B 237 -4.29 -3.63 20.49
CA LEU B 237 -3.71 -3.51 19.17
C LEU B 237 -2.22 -3.34 19.44
N VAL B 238 -1.50 -4.44 19.30
CA VAL B 238 -0.11 -4.57 19.75
C VAL B 238 0.89 -4.15 18.69
N GLY B 239 1.93 -3.44 19.12
CA GLY B 239 3.00 -3.00 18.22
C GLY B 239 4.13 -4.00 18.15
N GLY B 240 5.31 -3.56 18.57
CA GLY B 240 6.54 -4.34 18.40
C GLY B 240 6.54 -5.78 18.92
N ALA B 241 5.84 -6.04 20.02
CA ALA B 241 5.77 -7.41 20.54
C ALA B 241 5.15 -8.39 19.55
N SER B 242 4.38 -7.88 18.60
N SER B 242 4.36 -7.86 18.61
CA SER B 242 3.73 -8.75 17.63
CA SER B 242 3.74 -8.67 17.53
C SER B 242 4.71 -9.39 16.65
C SER B 242 4.76 -9.47 16.75
N LEU B 243 5.95 -8.91 16.62
CA LEU B 243 6.97 -9.43 15.69
C LEU B 243 7.73 -10.63 16.23
N ASP B 244 7.55 -10.93 17.51
CA ASP B 244 8.20 -12.06 18.16
C ASP B 244 7.11 -13.07 18.46
N GLY B 245 7.16 -14.24 17.81
CA GLY B 245 6.06 -15.21 17.92
C GLY B 245 5.81 -15.73 19.33
N GLU B 246 6.88 -16.02 20.05
CA GLU B 246 6.74 -16.46 21.44
C GLU B 246 6.15 -15.36 22.34
N HIS B 247 6.66 -14.13 22.20
CA HIS B 247 6.16 -13.03 23.01
C HIS B 247 4.69 -12.76 22.70
N PHE B 248 4.35 -12.80 21.41
CA PHE B 248 2.97 -12.53 21.00
C PHE B 248 2.01 -13.62 21.53
N ALA B 249 2.43 -14.88 21.44
CA ALA B 249 1.67 -15.98 22.02
C ALA B 249 1.45 -15.79 23.52
N THR B 250 2.50 -15.38 24.23
CA THR B 250 2.40 -15.09 25.66
C THR B 250 1.37 -14.00 25.96
N LEU B 251 1.35 -12.93 25.15
CA LEU B 251 0.33 -11.88 25.34
C LEU B 251 -1.06 -12.45 25.23
N ALA B 252 -1.29 -13.29 24.21
CA ALA B 252 -2.59 -13.89 24.00
C ALA B 252 -2.98 -14.79 25.18
N ALA B 253 -2.02 -15.59 25.66
CA ALA B 253 -2.25 -16.47 26.79
C ALA B 253 -2.64 -15.68 28.05
N ILE B 254 -1.94 -14.58 28.31
CA ILE B 254 -2.26 -13.71 29.47
C ILE B 254 -3.66 -13.11 29.33
N ALA B 255 -3.97 -12.58 28.15
CA ALA B 255 -5.28 -12.00 27.89
C ALA B 255 -6.41 -13.02 28.09
N ALA B 256 -6.15 -14.28 27.73
CA ALA B 256 -7.13 -15.36 27.88
C ALA B 256 -7.41 -15.76 29.33
N GLY B 257 -6.35 -15.82 30.13
N GLY B 257 -6.37 -15.75 30.16
CA GLY B 257 -6.43 -16.38 31.49
CA GLY B 257 -6.51 -16.05 31.58
C GLY B 257 -6.53 -15.32 32.55
C GLY B 257 -7.06 -14.87 32.36
CAC FLC C . -4.07 10.49 1.84
CA FLC C . -4.10 12.00 1.62
CB FLC C . -5.39 12.71 2.04
CBC FLC C . -5.37 14.08 1.40
CG FLC C . -5.44 12.85 3.57
CGC FLC C . -6.68 13.59 4.03
OA1 FLC C . -2.97 9.92 1.68
OA2 FLC C . -5.13 9.90 2.15
OB1 FLC C . -4.49 14.90 1.75
OB2 FLC C . -6.24 14.36 0.53
OG1 FLC C . -7.48 13.00 4.78
OG2 FLC C . -6.88 14.77 3.64
OHB FLC C . -6.56 12.02 1.59
#